data_4H2M
#
_entry.id   4H2M
#
_cell.length_a   62.830
_cell.length_b   68.885
_cell.length_c   112.017
_cell.angle_alpha   90.000
_cell.angle_beta   90.000
_cell.angle_gamma   90.000
#
_symmetry.space_group_name_H-M   'P 21 21 21'
#
loop_
_entity.id
_entity.type
_entity.pdbx_description
1 polymer 'Undecaprenyl pyrophosphate synthase'
2 non-polymer "2,2'-{benzene-1,3-diylbis[ethyne-2,1-diyl(5-bromobenzene-3,1-diyl)]}diethanamine"
3 water water
#
_entity_poly.entity_id   1
_entity_poly.type   'polypeptide(L)'
_entity_poly.pdbx_seq_one_letter_code
;MMLSATQPLSEKLPAHGCRHVAIIMDGNGRWAKKQGKIRAFGHKAGAKSVRRAVSFAANNGIEALTLYAFSSENWNRPAQ
EVSALMELFVWALDSEVKSLHRHNVRLRIIGDTSRFNSRLQERIRKSEALTAGNTGLTLNIAANYGGRWDIVQGVRQLAE
KVQQGNLQPDQIDEEMLNQHVCMHELAPVDLVIRTGGEHRISNFLLWQIAYAELYFTDVLWPDFDEQDFEGALNAFANRE
RRFGGTEPGDETA
;
_entity_poly.pdbx_strand_id   A,B
#
loop_
_chem_comp.id
_chem_comp.type
_chem_comp.name
_chem_comp.formula
0YV non-polymer 2,2'-{benzene-1,3-diylbis[ethyne-2,1-diyl(5-bromobenzene-3,1-diyl)]}diethanamine 'C26 H22 Br2 N2'
#
# COMPACT_ATOMS: atom_id res chain seq x y z
N ALA A 15 13.70 19.65 -10.28
CA ALA A 15 14.91 19.13 -9.51
C ALA A 15 14.58 18.08 -8.47
N HIS A 16 13.53 18.31 -7.65
CA HIS A 16 13.27 17.33 -6.59
C HIS A 16 12.79 16.01 -7.21
N GLY A 17 12.31 16.06 -8.44
CA GLY A 17 11.98 14.85 -9.12
C GLY A 17 10.53 14.41 -8.90
N CYS A 18 9.79 15.14 -8.07
CA CYS A 18 8.41 14.68 -7.71
C CYS A 18 7.40 15.32 -8.55
N ARG A 19 6.63 14.53 -9.30
CA ARG A 19 5.47 15.07 -9.98
C ARG A 19 4.18 15.02 -9.15
N HIS A 20 3.96 13.99 -8.29
CA HIS A 20 2.61 13.85 -7.64
C HIS A 20 2.92 13.47 -6.20
N VAL A 21 2.45 14.30 -5.29
CA VAL A 21 2.70 14.04 -3.81
C VAL A 21 1.30 13.76 -3.25
N ALA A 22 1.18 12.82 -2.31
CA ALA A 22 -0.11 12.60 -1.66
C ALA A 22 0.13 12.72 -0.14
N ILE A 23 -0.82 13.27 0.59
CA ILE A 23 -0.53 13.58 2.02
C ILE A 23 -1.68 13.06 2.88
N ILE A 24 -1.33 12.25 3.92
CA ILE A 24 -2.33 11.88 4.97
C ILE A 24 -2.11 12.92 6.08
N MET A 25 -3.10 13.84 6.22
CA MET A 25 -3.00 15.01 7.06
C MET A 25 -3.44 14.80 8.53
N ASP A 26 -2.68 14.03 9.26
CA ASP A 26 -3.09 13.60 10.62
C ASP A 26 -2.46 14.48 11.64
N GLY A 27 -3.13 14.61 12.81
CA GLY A 27 -2.56 15.34 13.94
C GLY A 27 -3.36 16.56 14.37
N ASN A 28 -4.39 16.98 13.62
CA ASN A 28 -5.17 18.20 14.04
C ASN A 28 -5.75 18.09 15.48
N GLY A 29 -6.37 16.94 15.77
CA GLY A 29 -6.92 16.69 17.19
C GLY A 29 -5.82 16.72 18.24
N ARG A 30 -4.71 16.05 17.99
CA ARG A 30 -3.62 16.07 18.92
C ARG A 30 -3.05 17.46 19.13
N TRP A 31 -2.97 18.23 18.06
CA TRP A 31 -2.36 19.56 18.11
C TRP A 31 -3.27 20.41 18.99
N ALA A 32 -4.57 20.29 18.84
CA ALA A 32 -5.52 21.14 19.65
C ALA A 32 -5.46 20.70 21.16
N LYS A 33 -5.42 19.41 21.35
CA LYS A 33 -5.35 18.83 22.77
C LYS A 33 -4.07 19.37 23.42
N LYS A 34 -2.92 19.38 22.71
CA LYS A 34 -1.68 19.97 23.30
C LYS A 34 -1.82 21.43 23.76
N GLN A 35 -2.66 22.19 23.04
CA GLN A 35 -2.96 23.59 23.30
C GLN A 35 -4.02 23.84 24.43
N GLY A 36 -4.56 22.80 25.02
CA GLY A 36 -5.84 22.89 25.80
C GLY A 36 -7.07 23.38 25.02
N LYS A 37 -7.12 23.17 23.70
CA LYS A 37 -8.24 23.63 22.92
C LYS A 37 -9.07 22.49 22.42
N ILE A 38 -10.32 22.79 22.13
CA ILE A 38 -11.21 21.80 21.54
C ILE A 38 -10.88 21.50 20.04
N ARG A 39 -11.42 20.37 19.53
CA ARG A 39 -11.10 19.88 18.17
C ARG A 39 -11.25 20.91 17.05
N ALA A 40 -12.30 21.72 17.12
CA ALA A 40 -12.53 22.81 16.16
C ALA A 40 -11.33 23.72 15.92
N PHE A 41 -10.55 23.98 16.95
CA PHE A 41 -9.41 24.82 16.76
C PHE A 41 -8.33 24.11 15.98
N GLY A 42 -8.24 22.81 16.15
CA GLY A 42 -7.20 22.07 15.39
C GLY A 42 -7.65 22.02 13.95
N HIS A 43 -8.94 21.89 13.68
CA HIS A 43 -9.41 21.89 12.31
C HIS A 43 -9.20 23.20 11.62
N LYS A 44 -9.44 24.29 12.31
CA LYS A 44 -9.11 25.58 11.74
C LYS A 44 -7.60 25.74 11.44
N ALA A 45 -6.73 25.34 12.39
CA ALA A 45 -5.28 25.42 12.13
C ALA A 45 -4.87 24.46 10.97
N GLY A 46 -5.53 23.30 10.95
CA GLY A 46 -5.30 22.29 9.85
C GLY A 46 -5.71 22.92 8.51
N ALA A 47 -6.80 23.69 8.49
CA ALA A 47 -7.16 24.38 7.20
C ALA A 47 -6.10 25.36 6.79
N LYS A 48 -5.52 26.10 7.74
CA LYS A 48 -4.49 27.09 7.41
C LYS A 48 -3.30 26.34 6.84
N SER A 49 -3.03 25.15 7.42
CA SER A 49 -1.89 24.39 6.88
C SER A 49 -2.15 23.81 5.47
N VAL A 50 -3.41 23.44 5.19
CA VAL A 50 -3.79 23.05 3.81
C VAL A 50 -3.46 24.20 2.81
N ARG A 51 -3.94 25.42 3.13
CA ARG A 51 -3.70 26.55 2.20
C ARG A 51 -2.22 26.72 1.93
N ARG A 52 -1.43 26.60 2.99
CA ARG A 52 0.01 26.75 2.89
C ARG A 52 0.65 25.64 2.06
N ALA A 53 0.17 24.42 2.23
CA ALA A 53 0.73 23.30 1.46
C ALA A 53 0.40 23.41 -0.02
N VAL A 54 -0.87 23.74 -0.29
CA VAL A 54 -1.38 23.87 -1.66
C VAL A 54 -0.50 24.96 -2.34
N SER A 55 -0.35 26.08 -1.67
CA SER A 55 0.53 27.22 -2.24
C SER A 55 1.98 26.81 -2.47
N PHE A 56 2.56 26.10 -1.51
CA PHE A 56 3.92 25.61 -1.64
C PHE A 56 4.04 24.66 -2.86
N ALA A 57 3.10 23.71 -2.97
CA ALA A 57 3.15 22.75 -4.12
C ALA A 57 3.00 23.52 -5.45
N ALA A 58 2.05 24.43 -5.52
CA ALA A 58 1.81 25.19 -6.79
C ALA A 58 3.06 25.97 -7.18
N ASN A 59 3.81 26.42 -6.19
CA ASN A 59 5.03 27.19 -6.38
C ASN A 59 6.29 26.44 -6.57
N ASN A 60 6.28 25.14 -6.33
CA ASN A 60 7.43 24.33 -6.48
C ASN A 60 7.36 23.26 -7.58
N GLY A 61 6.53 23.52 -8.58
CA GLY A 61 6.53 22.72 -9.78
C GLY A 61 5.90 21.35 -9.64
N ILE A 62 5.17 21.09 -8.54
CA ILE A 62 4.49 19.77 -8.41
C ILE A 62 3.30 19.75 -9.40
N GLU A 63 3.07 18.65 -10.14
CA GLU A 63 1.86 18.62 -10.99
C GLU A 63 0.55 18.35 -10.27
N ALA A 64 0.65 17.45 -9.27
CA ALA A 64 -0.55 16.99 -8.58
C ALA A 64 -0.28 16.79 -7.08
N LEU A 65 -1.30 17.20 -6.32
CA LEU A 65 -1.23 17.06 -4.82
C LEU A 65 -2.53 16.46 -4.44
N THR A 66 -2.49 15.32 -3.67
CA THR A 66 -3.70 14.65 -3.37
C THR A 66 -3.77 14.60 -1.82
N LEU A 67 -4.90 15.09 -1.27
CA LEU A 67 -4.95 15.29 0.22
C LEU A 67 -6.02 14.41 0.82
N TYR A 68 -5.63 13.68 1.90
CA TYR A 68 -6.61 12.83 2.64
C TYR A 68 -6.69 13.39 4.07
N ALA A 69 -7.85 13.85 4.41
CA ALA A 69 -8.11 14.49 5.72
C ALA A 69 -8.42 13.31 6.63
N PHE A 70 -7.65 13.19 7.69
CA PHE A 70 -7.81 12.00 8.54
C PHE A 70 -7.48 12.49 9.94
N SER A 71 -8.21 11.99 10.95
CA SER A 71 -7.82 12.17 12.39
C SER A 71 -7.92 10.79 13.18
N SER A 72 -6.75 10.28 13.58
CA SER A 72 -6.71 9.14 14.46
C SER A 72 -7.16 9.52 15.91
N LEU A 85 -18.81 15.38 9.65
CA LEU A 85 -17.43 15.84 9.68
C LEU A 85 -16.83 15.73 8.28
N MET A 86 -17.01 14.59 7.63
CA MET A 86 -16.66 14.47 6.22
C MET A 86 -17.36 15.51 5.35
N GLU A 87 -18.68 15.39 5.23
CA GLU A 87 -19.49 16.30 4.38
C GLU A 87 -19.33 17.75 4.82
N LEU A 88 -18.96 17.96 6.07
CA LEU A 88 -18.71 19.31 6.55
C LEU A 88 -17.34 19.82 6.11
N PHE A 89 -16.36 18.89 6.00
CA PHE A 89 -15.03 19.23 5.48
C PHE A 89 -15.20 19.73 4.05
N VAL A 90 -16.04 19.03 3.29
CA VAL A 90 -16.23 19.36 1.87
C VAL A 90 -17.06 20.66 1.70
N TRP A 91 -18.03 20.93 2.59
CA TRP A 91 -18.71 22.25 2.64
C TRP A 91 -17.75 23.38 2.87
N ALA A 92 -16.87 23.17 3.84
CA ALA A 92 -15.80 24.07 4.16
C ALA A 92 -14.94 24.38 2.94
N LEU A 93 -14.58 23.35 2.18
CA LEU A 93 -13.74 23.52 0.98
C LEU A 93 -14.45 24.46 -0.04
N ASP A 94 -15.78 24.38 -0.09
CA ASP A 94 -16.56 25.21 -1.04
C ASP A 94 -16.23 26.68 -0.92
N SER A 95 -16.06 27.14 0.32
CA SER A 95 -15.61 28.52 0.58
C SER A 95 -14.18 28.87 0.05
N GLU A 96 -13.43 27.86 -0.42
CA GLU A 96 -12.04 28.07 -0.82
C GLU A 96 -11.93 28.00 -2.37
N VAL A 97 -13.01 27.59 -3.00
CA VAL A 97 -12.98 27.24 -4.44
C VAL A 97 -12.60 28.47 -5.28
N LYS A 98 -13.14 29.65 -4.91
CA LYS A 98 -12.85 30.87 -5.71
C LYS A 98 -11.36 31.21 -5.57
N SER A 99 -10.81 31.04 -4.35
CA SER A 99 -9.39 31.26 -4.15
C SER A 99 -8.50 30.29 -4.96
N LEU A 100 -8.85 29.00 -4.98
CA LEU A 100 -8.10 27.99 -5.77
C LEU A 100 -8.16 28.44 -7.25
N HIS A 101 -9.33 28.84 -7.72
CA HIS A 101 -9.48 29.22 -9.12
C HIS A 101 -8.60 30.35 -9.50
N ARG A 102 -8.54 31.34 -8.65
CA ARG A 102 -7.65 32.45 -8.78
C ARG A 102 -6.13 32.15 -8.69
N HIS A 103 -5.73 30.99 -8.15
CA HIS A 103 -4.38 30.55 -8.14
C HIS A 103 -4.14 29.49 -9.19
N ASN A 104 -5.06 29.37 -10.15
CA ASN A 104 -4.91 28.52 -11.38
C ASN A 104 -4.84 27.06 -11.03
N VAL A 105 -5.48 26.69 -9.89
CA VAL A 105 -5.55 25.26 -9.46
C VAL A 105 -6.72 24.56 -10.02
N ARG A 106 -6.46 23.35 -10.60
CA ARG A 106 -7.54 22.50 -11.06
C ARG A 106 -8.04 21.56 -9.94
N LEU A 107 -9.31 21.68 -9.51
CA LEU A 107 -9.82 20.96 -8.29
C LEU A 107 -10.61 19.71 -8.66
N ARG A 108 -10.30 18.57 -8.05
CA ARG A 108 -11.10 17.36 -8.23
C ARG A 108 -11.32 16.70 -6.88
N ILE A 109 -12.50 16.12 -6.68
CA ILE A 109 -12.82 15.35 -5.47
C ILE A 109 -12.74 13.90 -5.86
N ILE A 110 -12.11 13.07 -5.04
CA ILE A 110 -12.05 11.66 -5.33
C ILE A 110 -12.69 10.99 -4.15
N GLY A 111 -13.48 9.98 -4.41
CA GLY A 111 -14.10 9.23 -3.29
C GLY A 111 -15.56 8.98 -3.70
N ASP A 112 -16.33 8.33 -2.82
CA ASP A 112 -17.71 7.93 -3.16
C ASP A 112 -18.65 9.04 -2.62
N THR A 113 -19.00 10.00 -3.49
CA THR A 113 -19.79 11.15 -3.06
C THR A 113 -21.25 10.97 -3.52
N SER A 114 -21.57 9.77 -3.94
CA SER A 114 -22.85 9.42 -4.51
C SER A 114 -23.99 9.39 -3.55
N ARG A 115 -23.71 9.36 -2.26
CA ARG A 115 -24.75 9.52 -1.25
C ARG A 115 -24.60 10.79 -0.47
N PHE A 116 -23.96 11.78 -1.05
CA PHE A 116 -23.79 13.05 -0.41
C PHE A 116 -25.08 13.54 -1.11
N ASN A 117 -25.80 14.47 -0.60
CA ASN A 117 -27.01 14.55 -1.35
C ASN A 117 -26.88 15.28 -2.64
N SER A 118 -27.97 15.75 -3.21
CA SER A 118 -27.77 16.55 -4.40
C SER A 118 -27.26 18.00 -4.26
N ARG A 119 -27.47 18.73 -3.18
CA ARG A 119 -26.96 20.09 -3.21
C ARG A 119 -25.45 20.11 -3.18
N LEU A 120 -24.87 19.24 -2.35
CA LEU A 120 -23.45 19.06 -2.23
C LEU A 120 -22.87 18.53 -3.52
N GLN A 121 -23.50 17.51 -4.07
CA GLN A 121 -23.02 16.89 -5.26
C GLN A 121 -22.94 17.90 -6.39
N GLU A 122 -23.87 18.83 -6.36
CA GLU A 122 -23.97 19.80 -7.42
C GLU A 122 -22.93 20.88 -7.32
N ARG A 123 -22.71 21.37 -6.10
CA ARG A 123 -21.64 22.30 -5.84
C ARG A 123 -20.30 21.68 -6.19
N ILE A 124 -20.13 20.42 -5.84
CA ILE A 124 -18.94 19.68 -6.23
C ILE A 124 -18.79 19.74 -7.77
N ARG A 125 -19.83 19.36 -8.46
CA ARG A 125 -19.84 19.38 -9.92
C ARG A 125 -19.50 20.76 -10.47
N LYS A 126 -20.08 21.80 -9.91
CA LYS A 126 -19.82 23.17 -10.46
C LYS A 126 -18.37 23.59 -10.19
N SER A 127 -17.84 23.16 -9.04
CA SER A 127 -16.49 23.57 -8.68
C SER A 127 -15.48 22.85 -9.55
N GLU A 128 -15.75 21.61 -9.92
CA GLU A 128 -14.86 20.90 -10.81
C GLU A 128 -14.94 21.51 -12.19
N ALA A 129 -16.18 21.77 -12.63
CA ALA A 129 -16.36 22.45 -13.96
C ALA A 129 -15.65 23.80 -14.05
N LEU A 130 -15.80 24.65 -13.01
CA LEU A 130 -15.18 25.95 -12.99
C LEU A 130 -13.66 25.90 -13.19
N THR A 131 -13.00 24.96 -12.50
CA THR A 131 -11.55 24.94 -12.49
C THR A 131 -10.92 23.97 -13.46
N ALA A 132 -11.72 23.24 -14.26
CA ALA A 132 -11.17 22.15 -15.08
C ALA A 132 -10.19 22.68 -16.16
N GLY A 133 -10.43 23.91 -16.56
CA GLY A 133 -9.59 24.59 -17.50
C GLY A 133 -8.27 25.09 -16.96
N ASN A 134 -8.04 25.01 -15.63
CA ASN A 134 -6.83 25.57 -15.08
C ASN A 134 -5.57 24.76 -15.34
N THR A 135 -4.44 25.46 -15.49
CA THR A 135 -3.23 24.83 -15.93
C THR A 135 -2.12 24.68 -14.88
N GLY A 136 -2.40 25.08 -13.62
CA GLY A 136 -1.36 25.00 -12.59
C GLY A 136 -1.48 23.64 -11.92
N LEU A 137 -1.31 23.65 -10.63
CA LEU A 137 -1.46 22.40 -9.87
C LEU A 137 -2.81 21.75 -10.04
N THR A 138 -2.84 20.40 -10.10
CA THR A 138 -4.05 19.70 -9.98
C THR A 138 -4.16 19.21 -8.51
N LEU A 139 -5.26 19.62 -7.85
CA LEU A 139 -5.44 19.29 -6.40
C LEU A 139 -6.57 18.34 -6.31
N ASN A 140 -6.32 17.12 -5.72
CA ASN A 140 -7.37 16.09 -5.57
C ASN A 140 -7.64 16.02 -4.08
N ILE A 141 -8.89 16.18 -3.69
CA ILE A 141 -9.27 16.13 -2.26
C ILE A 141 -10.08 14.88 -2.12
N ALA A 142 -9.64 13.99 -1.18
CA ALA A 142 -10.36 12.75 -0.94
C ALA A 142 -11.58 13.07 -0.06
N ALA A 143 -12.74 12.57 -0.44
CA ALA A 143 -13.92 12.76 0.40
C ALA A 143 -14.65 11.47 0.36
N ASN A 144 -14.82 10.85 1.52
CA ASN A 144 -15.40 9.52 1.55
C ASN A 144 -14.65 8.57 0.63
N TYR A 145 -13.33 8.63 0.73
CA TYR A 145 -12.43 7.84 -0.13
C TYR A 145 -11.84 6.69 0.62
N GLY A 146 -11.70 5.52 -0.02
CA GLY A 146 -10.89 4.41 0.55
C GLY A 146 -10.21 3.74 -0.59
N GLY A 147 -8.97 3.28 -0.38
CA GLY A 147 -8.22 2.63 -1.41
C GLY A 147 -8.88 1.32 -1.94
N ARG A 148 -9.45 0.56 -1.03
CA ARG A 148 -10.20 -0.68 -1.36
C ARG A 148 -11.43 -0.32 -2.18
N TRP A 149 -12.16 0.70 -1.76
CA TRP A 149 -13.32 1.18 -2.53
C TRP A 149 -12.96 1.57 -3.95
N ASP A 150 -11.86 2.29 -4.08
CA ASP A 150 -11.35 2.73 -5.37
C ASP A 150 -11.08 1.54 -6.31
N ILE A 151 -10.37 0.55 -5.79
CA ILE A 151 -10.15 -0.67 -6.56
C ILE A 151 -11.54 -1.28 -6.95
N VAL A 152 -12.42 -1.42 -5.98
CA VAL A 152 -13.71 -2.07 -6.27
C VAL A 152 -14.50 -1.31 -7.37
N GLN A 153 -14.53 0.01 -7.32
CA GLN A 153 -15.27 0.77 -8.37
C GLN A 153 -14.66 0.49 -9.75
N GLY A 154 -13.34 0.35 -9.82
CA GLY A 154 -12.68 0.09 -11.12
C GLY A 154 -13.10 -1.28 -11.62
N VAL A 155 -13.15 -2.23 -10.68
CA VAL A 155 -13.47 -3.62 -11.02
C VAL A 155 -14.91 -3.64 -11.53
N ARG A 156 -15.80 -2.91 -10.86
CA ARG A 156 -17.21 -2.82 -11.36
C ARG A 156 -17.35 -2.25 -12.76
N GLN A 157 -16.51 -1.31 -13.14
CA GLN A 157 -16.54 -0.77 -14.49
C GLN A 157 -16.06 -1.85 -15.48
N LEU A 158 -15.02 -2.63 -15.11
CA LEU A 158 -14.55 -3.73 -15.97
C LEU A 158 -15.64 -4.82 -16.05
N ALA A 159 -16.36 -5.03 -14.96
CA ALA A 159 -17.37 -6.10 -14.94
C ALA A 159 -18.59 -5.71 -15.83
N GLU A 160 -19.00 -4.45 -15.78
CA GLU A 160 -19.98 -3.96 -16.77
C GLU A 160 -19.54 -4.17 -18.20
N LYS A 161 -18.28 -3.90 -18.52
CA LYS A 161 -17.83 -4.10 -19.86
C LYS A 161 -17.85 -5.62 -20.23
N VAL A 162 -17.53 -6.48 -19.28
CA VAL A 162 -17.66 -7.91 -19.54
C VAL A 162 -19.12 -8.27 -19.77
N GLN A 163 -20.03 -7.71 -19.00
CA GLN A 163 -21.43 -8.11 -19.16
C GLN A 163 -22.05 -7.57 -20.47
N GLN A 164 -21.66 -6.37 -20.90
CA GLN A 164 -22.00 -5.85 -22.25
C GLN A 164 -21.44 -6.69 -23.43
N GLY A 165 -20.56 -7.66 -23.14
CA GLY A 165 -19.86 -8.44 -24.16
C GLY A 165 -18.67 -7.72 -24.78
N ASN A 166 -18.37 -6.54 -24.27
CA ASN A 166 -17.28 -5.72 -24.79
C ASN A 166 -15.85 -6.14 -24.41
N LEU A 167 -15.73 -6.91 -23.33
CA LEU A 167 -14.42 -7.23 -22.74
C LEU A 167 -14.32 -8.71 -22.39
N GLN A 168 -13.21 -9.35 -22.73
CA GLN A 168 -12.96 -10.74 -22.29
C GLN A 168 -12.23 -10.80 -20.94
N PRO A 169 -12.63 -11.69 -20.02
CA PRO A 169 -11.88 -11.76 -18.77
C PRO A 169 -10.35 -11.95 -18.93
N ASP A 170 -9.88 -12.69 -19.92
CA ASP A 170 -8.47 -12.91 -20.00
C ASP A 170 -7.73 -11.76 -20.68
N GLN A 171 -8.45 -10.72 -21.14
CA GLN A 171 -7.71 -9.52 -21.63
C GLN A 171 -7.43 -8.59 -20.46
N ILE A 172 -8.03 -8.87 -19.29
CA ILE A 172 -7.88 -7.95 -18.09
C ILE A 172 -6.48 -8.12 -17.53
N ASP A 173 -5.68 -7.07 -17.56
CA ASP A 173 -4.34 -7.18 -17.04
C ASP A 173 -4.14 -6.00 -16.07
N GLU A 174 -2.94 -5.87 -15.55
CA GLU A 174 -2.71 -4.73 -14.61
C GLU A 174 -2.93 -3.39 -15.27
N GLU A 175 -2.39 -3.25 -16.51
CA GLU A 175 -2.46 -1.99 -17.25
C GLU A 175 -3.92 -1.65 -17.42
N MET A 176 -4.76 -2.65 -17.61
CA MET A 176 -6.14 -2.27 -17.86
C MET A 176 -6.79 -1.83 -16.55
N LEU A 177 -6.56 -2.57 -15.48
CA LEU A 177 -7.19 -2.12 -14.20
C LEU A 177 -6.60 -0.77 -13.79
N ASN A 178 -5.31 -0.49 -14.12
CA ASN A 178 -4.68 0.78 -13.87
C ASN A 178 -5.47 1.94 -14.51
N GLN A 179 -6.05 1.68 -15.69
CA GLN A 179 -6.76 2.73 -16.44
C GLN A 179 -8.15 2.99 -15.87
N HIS A 180 -8.55 2.22 -14.85
CA HIS A 180 -9.84 2.40 -14.21
C HIS A 180 -9.87 2.90 -12.75
N VAL A 181 -8.70 3.11 -12.15
CA VAL A 181 -8.69 3.52 -10.69
C VAL A 181 -8.62 5.06 -10.66
N CYS A 182 -8.93 5.69 -9.50
CA CYS A 182 -8.86 7.20 -9.45
C CYS A 182 -7.49 7.68 -9.80
N MET A 183 -7.44 8.77 -10.54
CA MET A 183 -6.21 9.50 -10.87
C MET A 183 -5.36 8.82 -11.92
N HIS A 184 -5.91 7.82 -12.60
CA HIS A 184 -5.11 7.10 -13.60
C HIS A 184 -4.51 7.96 -14.66
N GLU A 185 -5.14 9.08 -14.95
CA GLU A 185 -4.65 9.98 -16.04
C GLU A 185 -3.60 10.97 -15.59
N LEU A 186 -3.37 11.06 -14.26
CA LEU A 186 -2.29 11.90 -13.72
C LEU A 186 -0.96 11.15 -13.57
N ALA A 187 0.11 11.90 -13.35
CA ALA A 187 1.40 11.28 -13.08
C ALA A 187 1.23 10.29 -11.93
N PRO A 188 1.94 9.18 -11.97
CA PRO A 188 1.92 8.26 -10.82
C PRO A 188 2.33 8.97 -9.52
N VAL A 189 1.76 8.52 -8.42
CA VAL A 189 2.19 9.10 -7.13
C VAL A 189 3.62 8.72 -6.76
N ASP A 190 4.45 9.71 -6.52
CA ASP A 190 5.86 9.51 -6.31
C ASP A 190 6.15 9.45 -4.82
N LEU A 191 5.35 10.19 -4.04
CA LEU A 191 5.74 10.37 -2.62
C LEU A 191 4.43 10.44 -1.79
N VAL A 192 4.38 9.64 -0.71
CA VAL A 192 3.21 9.78 0.23
C VAL A 192 3.80 10.32 1.53
N ILE A 193 3.28 11.43 2.04
CA ILE A 193 3.71 11.97 3.37
C ILE A 193 2.61 11.68 4.37
N ARG A 194 2.96 11.15 5.54
CA ARG A 194 1.93 11.08 6.57
C ARG A 194 2.50 11.82 7.80
N THR A 195 1.74 12.81 8.26
CA THR A 195 2.08 13.60 9.42
C THR A 195 1.37 12.93 10.63
N GLY A 196 1.82 13.35 11.82
CA GLY A 196 1.06 13.00 13.04
C GLY A 196 1.64 11.81 13.80
N GLY A 197 2.61 11.13 13.24
CA GLY A 197 3.42 10.12 13.95
C GLY A 197 2.99 8.65 13.73
N GLU A 198 1.82 8.37 13.11
CA GLU A 198 1.45 6.94 12.87
C GLU A 198 2.05 6.46 11.57
N HIS A 199 2.33 5.16 11.52
CA HIS A 199 3.07 4.58 10.38
C HIS A 199 2.00 3.61 9.89
N ARG A 200 1.20 4.03 8.93
CA ARG A 200 0.16 3.16 8.36
C ARG A 200 -0.49 3.94 7.22
N ILE A 201 -1.05 3.21 6.25
CA ILE A 201 -1.72 3.85 5.12
C ILE A 201 -3.19 4.20 5.43
N SER A 202 -3.79 3.43 6.33
CA SER A 202 -5.23 3.69 6.78
C SER A 202 -6.19 3.74 5.62
N ASN A 203 -5.98 2.82 4.65
CA ASN A 203 -6.90 2.64 3.57
C ASN A 203 -7.07 3.95 2.76
N PHE A 204 -5.98 4.70 2.66
CA PHE A 204 -5.85 5.80 1.66
C PHE A 204 -5.10 4.93 0.64
N LEU A 205 -4.62 5.49 -0.45
CA LEU A 205 -4.37 4.94 -1.80
C LEU A 205 -3.52 3.68 -1.76
N LEU A 206 -4.12 2.52 -2.12
CA LEU A 206 -3.36 1.27 -2.23
C LEU A 206 -2.73 0.88 -3.56
N TRP A 207 -3.59 0.74 -4.56
CA TRP A 207 -3.11 0.43 -5.92
C TRP A 207 -2.07 1.39 -6.37
N GLN A 208 -2.33 2.65 -6.11
CA GLN A 208 -1.52 3.71 -6.65
C GLN A 208 -0.21 3.91 -5.94
N ILE A 209 -0.04 3.32 -4.78
CA ILE A 209 1.21 3.51 -4.07
C ILE A 209 2.23 2.37 -4.09
N ALA A 210 2.00 1.46 -5.00
CA ALA A 210 2.87 0.28 -5.18
C ALA A 210 4.33 0.61 -5.25
N TYR A 211 4.70 1.73 -5.91
CA TYR A 211 6.13 2.08 -6.08
C TYR A 211 6.50 3.39 -5.43
N ALA A 212 5.56 4.00 -4.69
CA ALA A 212 5.79 5.34 -4.10
C ALA A 212 6.75 5.34 -2.88
N GLU A 213 7.53 6.40 -2.71
CA GLU A 213 8.33 6.64 -1.53
C GLU A 213 7.33 6.98 -0.38
N LEU A 214 7.47 6.32 0.82
CA LEU A 214 6.64 6.62 1.97
C LEU A 214 7.45 7.41 3.01
N TYR A 215 6.91 8.54 3.43
CA TYR A 215 7.70 9.46 4.30
C TYR A 215 6.80 9.78 5.52
N PHE A 216 7.21 9.34 6.70
CA PHE A 216 6.35 9.54 7.87
C PHE A 216 7.09 10.53 8.75
N THR A 217 6.33 11.47 9.28
CA THR A 217 6.94 12.46 10.16
C THR A 217 6.04 12.63 11.41
N ASP A 218 6.68 12.86 12.56
CA ASP A 218 5.95 13.04 13.80
C ASP A 218 5.37 14.48 13.86
N VAL A 219 5.80 15.39 12.97
CA VAL A 219 5.15 16.72 12.99
C VAL A 219 3.62 16.64 12.85
N LEU A 220 2.86 17.43 13.63
CA LEU A 220 1.39 17.28 13.56
C LEU A 220 1.00 18.19 12.37
N TRP A 221 -0.08 17.82 11.68
CA TRP A 221 -0.54 18.55 10.50
C TRP A 221 -0.55 20.09 10.60
N PRO A 222 -1.19 20.66 11.68
CA PRO A 222 -1.17 22.13 11.69
C PRO A 222 0.26 22.77 11.70
N ASP A 223 1.24 22.06 12.19
CA ASP A 223 2.63 22.61 12.27
C ASP A 223 3.44 22.31 11.02
N PHE A 224 2.91 21.46 10.12
CA PHE A 224 3.71 21.04 8.94
C PHE A 224 3.79 22.20 7.94
N ASP A 225 4.95 22.81 7.77
CA ASP A 225 5.09 24.04 7.02
C ASP A 225 5.93 23.90 5.77
N GLU A 226 6.29 25.02 5.13
CA GLU A 226 7.07 24.87 3.89
C GLU A 226 8.40 24.18 4.06
N GLN A 227 9.14 24.46 5.13
CA GLN A 227 10.42 23.79 5.35
C GLN A 227 10.22 22.30 5.59
N ASP A 228 9.15 21.90 6.28
CA ASP A 228 8.89 20.43 6.40
C ASP A 228 8.59 19.79 4.98
N PHE A 229 7.85 20.52 4.17
CA PHE A 229 7.45 20.02 2.79
C PHE A 229 8.71 19.91 1.93
N GLU A 230 9.55 20.94 2.09
CA GLU A 230 10.84 20.97 1.37
C GLU A 230 11.67 19.79 1.79
N GLY A 231 11.66 19.47 3.09
CA GLY A 231 12.43 18.38 3.63
C GLY A 231 11.95 17.04 3.12
N ALA A 232 10.62 16.88 2.93
CA ALA A 232 10.12 15.63 2.36
C ALA A 232 10.52 15.51 0.87
N LEU A 233 10.47 16.61 0.12
CA LEU A 233 10.76 16.53 -1.33
C LEU A 233 12.24 16.26 -1.50
N ASN A 234 13.05 16.92 -0.69
CA ASN A 234 14.50 16.66 -0.78
C ASN A 234 14.94 15.26 -0.32
N ALA A 235 14.21 14.73 0.63
CA ALA A 235 14.41 13.33 0.99
C ALA A 235 14.00 12.40 -0.16
N PHE A 236 12.92 12.67 -0.89
CA PHE A 236 12.55 11.84 -2.01
C PHE A 236 13.70 12.00 -3.07
N ALA A 237 14.13 13.23 -3.32
CA ALA A 237 15.16 13.44 -4.40
C ALA A 237 16.44 12.66 -4.09
N ASN A 238 16.83 12.62 -2.82
CA ASN A 238 18.04 11.92 -2.37
C ASN A 238 17.91 10.41 -2.30
N ARG A 239 16.70 9.94 -2.18
CA ARG A 239 16.47 8.54 -1.96
C ARG A 239 16.07 7.83 -3.22
N GLU A 240 15.57 8.58 -4.17
CA GLU A 240 15.26 8.08 -5.52
C GLU A 240 16.53 7.86 -6.34
N GLY B 17 -1.77 -8.07 20.36
CA GLY B 17 -1.24 -9.30 19.74
C GLY B 17 -0.91 -9.01 18.28
N CYS B 18 0.33 -9.18 17.90
CA CYS B 18 0.64 -9.16 16.48
C CYS B 18 0.38 -10.60 15.93
N ARG B 19 -0.61 -10.81 15.08
CA ARG B 19 -0.93 -12.17 14.61
C ARG B 19 -0.26 -12.52 13.25
N HIS B 20 -0.07 -11.55 12.36
CA HIS B 20 0.42 -11.91 11.01
C HIS B 20 1.47 -10.81 10.66
N VAL B 21 2.70 -11.24 10.47
CA VAL B 21 3.77 -10.33 10.09
C VAL B 21 4.19 -10.61 8.65
N ALA B 22 4.43 -9.54 7.84
CA ALA B 22 4.93 -9.80 6.46
C ALA B 22 6.32 -9.07 6.45
N ILE B 23 7.27 -9.60 5.71
CA ILE B 23 8.62 -8.97 5.69
C ILE B 23 9.10 -8.88 4.23
N ILE B 24 9.56 -7.66 3.85
CA ILE B 24 10.24 -7.55 2.55
C ILE B 24 11.74 -7.66 2.86
N MET B 25 12.35 -8.74 2.39
CA MET B 25 13.64 -9.13 2.89
C MET B 25 14.71 -8.52 1.99
N ASP B 26 14.99 -7.25 2.12
CA ASP B 26 15.89 -6.63 1.15
C ASP B 26 17.25 -6.44 1.84
N GLY B 27 18.29 -6.42 1.02
CA GLY B 27 19.64 -6.14 1.41
C GLY B 27 20.68 -7.25 1.25
N ASN B 28 20.31 -8.37 0.66
CA ASN B 28 21.29 -9.48 0.61
C ASN B 28 22.51 -9.05 -0.31
N GLY B 29 22.20 -8.42 -1.46
CA GLY B 29 23.25 -8.12 -2.46
C GLY B 29 24.16 -7.04 -1.91
N ARG B 30 23.55 -6.04 -1.31
CA ARG B 30 24.25 -5.00 -0.59
C ARG B 30 25.10 -5.51 0.58
N TRP B 31 24.59 -6.45 1.34
CA TRP B 31 25.37 -7.10 2.38
C TRP B 31 26.58 -7.79 1.81
N ALA B 32 26.40 -8.54 0.75
CA ALA B 32 27.53 -9.31 0.15
C ALA B 32 28.68 -8.32 -0.24
N LYS B 33 28.30 -7.31 -0.99
CA LYS B 33 29.24 -6.26 -1.44
C LYS B 33 29.96 -5.64 -0.23
N LYS B 34 29.21 -5.24 0.80
CA LYS B 34 29.82 -4.71 2.01
C LYS B 34 30.81 -5.70 2.67
N GLN B 35 30.57 -7.02 2.58
CA GLN B 35 31.46 -8.03 3.16
C GLN B 35 32.65 -8.32 2.22
N GLY B 36 32.68 -7.65 1.08
CA GLY B 36 33.72 -7.91 0.05
C GLY B 36 33.54 -9.30 -0.60
N LYS B 37 32.28 -9.76 -0.79
CA LYS B 37 32.01 -11.11 -1.40
C LYS B 37 31.05 -11.06 -2.62
N ILE B 38 30.98 -12.16 -3.39
CA ILE B 38 30.10 -12.26 -4.55
C ILE B 38 28.62 -12.39 -4.06
N ARG B 39 27.71 -12.07 -4.97
CA ARG B 39 26.27 -12.05 -4.69
C ARG B 39 25.77 -13.34 -3.98
N ALA B 40 26.25 -14.50 -4.43
CA ALA B 40 25.87 -15.83 -3.85
C ALA B 40 26.10 -15.96 -2.35
N PHE B 41 27.12 -15.25 -1.84
CA PHE B 41 27.42 -15.30 -0.42
C PHE B 41 26.29 -14.59 0.32
N GLY B 42 25.73 -13.56 -0.31
CA GLY B 42 24.60 -12.81 0.30
C GLY B 42 23.37 -13.70 0.31
N HIS B 43 23.18 -14.50 -0.76
CA HIS B 43 22.01 -15.40 -0.79
C HIS B 43 22.04 -16.38 0.32
N LYS B 44 23.23 -16.96 0.52
CA LYS B 44 23.39 -17.96 1.55
C LYS B 44 23.13 -17.38 2.95
N ALA B 45 23.68 -16.19 3.24
CA ALA B 45 23.50 -15.58 4.57
C ALA B 45 21.98 -15.14 4.77
N GLY B 46 21.37 -14.67 3.70
CA GLY B 46 19.90 -14.33 3.64
C GLY B 46 19.10 -15.59 4.00
N ALA B 47 19.47 -16.74 3.46
CA ALA B 47 18.79 -18.02 3.76
C ALA B 47 18.91 -18.37 5.25
N LYS B 48 20.09 -18.13 5.82
CA LYS B 48 20.25 -18.36 7.28
C LYS B 48 19.40 -17.42 8.05
N SER B 49 19.26 -16.20 7.54
CA SER B 49 18.37 -15.25 8.23
C SER B 49 16.87 -15.64 8.09
N VAL B 50 16.49 -16.20 6.97
CA VAL B 50 15.13 -16.78 6.85
C VAL B 50 14.90 -17.84 7.93
N ARG B 51 15.84 -18.79 8.07
CA ARG B 51 15.63 -19.82 9.10
C ARG B 51 15.44 -19.26 10.52
N ARG B 52 16.27 -18.31 10.89
CA ARG B 52 16.22 -17.66 12.20
C ARG B 52 14.90 -16.91 12.39
N ALA B 53 14.39 -16.24 11.33
CA ALA B 53 13.13 -15.47 11.52
C ALA B 53 11.93 -16.36 11.66
N VAL B 54 11.94 -17.45 10.86
CA VAL B 54 10.86 -18.43 10.89
C VAL B 54 10.84 -19.12 12.28
N SER B 55 12.03 -19.47 12.74
CA SER B 55 12.16 -20.04 14.10
C SER B 55 11.63 -19.08 15.15
N PHE B 56 12.05 -17.84 15.12
CA PHE B 56 11.58 -16.82 16.07
C PHE B 56 10.08 -16.65 16.03
N ALA B 57 9.52 -16.54 14.82
CA ALA B 57 8.09 -16.34 14.79
C ALA B 57 7.37 -17.57 15.37
N ALA B 58 7.82 -18.76 15.04
CA ALA B 58 7.10 -20.02 15.51
C ALA B 58 7.22 -20.10 17.05
N ASN B 59 8.34 -19.66 17.58
CA ASN B 59 8.58 -19.68 19.06
C ASN B 59 7.81 -18.61 19.83
N ASN B 60 7.35 -17.56 19.15
CA ASN B 60 6.70 -16.41 19.83
C ASN B 60 5.24 -16.31 19.55
N GLY B 61 4.72 -17.41 19.02
CA GLY B 61 3.29 -17.57 18.80
C GLY B 61 2.64 -16.77 17.68
N ILE B 62 3.45 -16.24 16.75
CA ILE B 62 2.87 -15.55 15.60
C ILE B 62 2.12 -16.62 14.76
N GLU B 63 0.91 -16.26 14.31
CA GLU B 63 0.07 -17.16 13.54
C GLU B 63 0.53 -17.32 12.10
N ALA B 64 0.96 -16.20 11.49
CA ALA B 64 1.30 -16.27 10.04
C ALA B 64 2.50 -15.33 9.78
N LEU B 65 3.41 -15.79 8.94
CA LEU B 65 4.61 -15.05 8.56
C LEU B 65 4.65 -15.07 7.03
N THR B 66 4.66 -13.89 6.39
CA THR B 66 4.65 -13.88 4.92
C THR B 66 6.01 -13.17 4.45
N LEU B 67 6.82 -13.88 3.66
CA LEU B 67 8.21 -13.45 3.32
C LEU B 67 8.29 -13.14 1.85
N TYR B 68 8.72 -11.91 1.53
CA TYR B 68 8.83 -11.50 0.13
C TYR B 68 10.33 -11.46 -0.17
N ALA B 69 10.75 -12.33 -1.06
CA ALA B 69 12.12 -12.41 -1.61
C ALA B 69 12.28 -11.30 -2.58
N PHE B 70 13.16 -10.41 -2.28
CA PHE B 70 13.25 -9.22 -3.08
C PHE B 70 14.64 -8.67 -2.93
N SER B 71 15.20 -8.15 -4.01
CA SER B 71 16.39 -7.34 -3.84
C SER B 71 16.29 -6.14 -4.71
N SER B 72 16.66 -5.01 -4.11
CA SER B 72 16.91 -3.76 -4.84
C SER B 72 17.80 -4.02 -6.06
N GLU B 73 18.69 -5.01 -5.94
CA GLU B 73 19.52 -5.57 -7.05
C GLU B 73 20.48 -4.59 -7.68
N ALA B 84 13.53 -16.13 -13.07
CA ALA B 84 14.33 -17.35 -13.00
C ALA B 84 15.07 -17.47 -11.68
N LEU B 85 15.57 -16.35 -11.13
CA LEU B 85 16.20 -16.36 -9.81
C LEU B 85 15.13 -16.72 -8.75
N MET B 86 13.86 -16.51 -9.10
CA MET B 86 12.79 -16.83 -8.17
C MET B 86 12.61 -18.37 -8.11
N GLU B 87 12.66 -19.06 -9.26
CA GLU B 87 12.63 -20.57 -9.29
C GLU B 87 13.78 -21.18 -8.50
N LEU B 88 14.96 -20.57 -8.60
CA LEU B 88 16.08 -21.02 -7.79
C LEU B 88 15.84 -20.88 -6.31
N PHE B 89 15.22 -19.77 -5.93
CA PHE B 89 15.00 -19.45 -4.52
C PHE B 89 14.00 -20.51 -4.00
N VAL B 90 12.99 -20.79 -4.80
CA VAL B 90 12.04 -21.81 -4.28
C VAL B 90 12.65 -23.21 -4.27
N TRP B 91 13.48 -23.57 -5.24
CA TRP B 91 14.19 -24.84 -5.17
C TRP B 91 14.99 -24.99 -3.92
N ALA B 92 15.59 -23.92 -3.47
CA ALA B 92 16.46 -24.00 -2.30
C ALA B 92 15.63 -24.35 -1.06
N LEU B 93 14.37 -23.97 -1.05
CA LEU B 93 13.46 -24.30 0.11
C LEU B 93 13.08 -25.79 0.16
N ASP B 94 13.18 -26.49 -0.99
CA ASP B 94 12.77 -27.90 -1.07
C ASP B 94 13.41 -28.73 0.03
N SER B 95 14.70 -28.56 0.31
CA SER B 95 15.35 -29.37 1.36
C SER B 95 15.00 -28.98 2.80
N GLU B 96 14.22 -27.91 2.96
CA GLU B 96 13.82 -27.48 4.31
C GLU B 96 12.44 -28.02 4.67
N VAL B 97 11.74 -28.66 3.74
CA VAL B 97 10.30 -28.93 3.95
C VAL B 97 10.11 -30.01 5.02
N LYS B 98 10.97 -31.03 5.02
CA LYS B 98 10.75 -32.13 6.01
C LYS B 98 10.81 -31.55 7.42
N SER B 99 11.76 -30.65 7.64
CA SER B 99 11.91 -29.99 8.92
C SER B 99 10.80 -29.00 9.26
N LEU B 100 10.31 -28.22 8.27
CA LEU B 100 9.14 -27.38 8.56
C LEU B 100 7.97 -28.24 9.07
N HIS B 101 7.77 -29.35 8.38
CA HIS B 101 6.63 -30.21 8.65
C HIS B 101 6.71 -30.77 10.07
N ARG B 102 7.91 -31.22 10.47
CA ARG B 102 8.12 -31.73 11.83
C ARG B 102 7.82 -30.65 12.86
N HIS B 103 8.02 -29.39 12.46
CA HIS B 103 7.77 -28.28 13.31
C HIS B 103 6.36 -27.74 13.24
N ASN B 104 5.42 -28.48 12.62
CA ASN B 104 3.97 -28.16 12.60
C ASN B 104 3.72 -26.83 11.81
N VAL B 105 4.58 -26.57 10.86
CA VAL B 105 4.43 -25.35 9.99
C VAL B 105 3.64 -25.69 8.75
N ARG B 106 2.64 -24.84 8.44
CA ARG B 106 1.93 -25.00 7.19
C ARG B 106 2.62 -24.13 6.13
N LEU B 107 3.10 -24.73 5.04
CA LEU B 107 3.90 -23.98 4.02
C LEU B 107 3.02 -23.66 2.82
N ARG B 108 2.98 -22.37 2.40
CA ARG B 108 2.28 -21.98 1.16
C ARG B 108 3.21 -21.09 0.34
N ILE B 109 3.16 -21.30 -0.98
CA ILE B 109 3.83 -20.38 -1.91
C ILE B 109 2.72 -19.51 -2.51
N ILE B 110 2.89 -18.18 -2.47
CA ILE B 110 1.95 -17.28 -3.12
C ILE B 110 2.63 -16.55 -4.26
N GLY B 111 1.91 -16.30 -5.33
CA GLY B 111 2.58 -15.64 -6.51
C GLY B 111 2.28 -16.52 -7.75
N ASP B 112 2.81 -16.07 -8.87
CA ASP B 112 2.40 -16.64 -10.16
C ASP B 112 3.45 -17.68 -10.57
N THR B 113 3.17 -18.90 -10.19
CA THR B 113 4.13 -20.00 -10.38
C THR B 113 3.76 -20.78 -11.68
N SER B 114 2.74 -20.29 -12.41
CA SER B 114 2.07 -21.03 -13.52
C SER B 114 3.04 -21.25 -14.68
N ARG B 115 4.10 -20.45 -14.77
CA ARG B 115 5.14 -20.71 -15.74
C ARG B 115 6.48 -21.20 -15.15
N PHE B 116 6.48 -21.69 -13.90
CA PHE B 116 7.67 -22.36 -13.42
C PHE B 116 7.80 -23.73 -14.12
N ASN B 117 8.98 -24.32 -14.14
CA ASN B 117 8.99 -25.68 -14.71
C ASN B 117 8.08 -26.66 -14.00
N SER B 118 7.53 -27.62 -14.79
CA SER B 118 6.42 -28.44 -14.30
C SER B 118 6.85 -29.36 -13.14
N ARG B 119 8.11 -29.72 -13.12
CA ARG B 119 8.63 -30.53 -12.05
C ARG B 119 8.63 -29.73 -10.71
N LEU B 120 9.03 -28.46 -10.79
CA LEU B 120 9.05 -27.57 -9.57
C LEU B 120 7.60 -27.30 -9.14
N GLN B 121 6.68 -27.07 -10.11
CA GLN B 121 5.25 -26.89 -9.75
C GLN B 121 4.74 -28.09 -9.01
N GLU B 122 5.14 -29.29 -9.43
CA GLU B 122 4.62 -30.48 -8.78
C GLU B 122 5.21 -30.59 -7.39
N ARG B 123 6.47 -30.18 -7.22
CA ARG B 123 7.13 -30.30 -5.89
C ARG B 123 6.52 -29.27 -4.94
N ILE B 124 6.17 -28.07 -5.47
CA ILE B 124 5.45 -27.04 -4.64
C ILE B 124 4.13 -27.64 -4.18
N ARG B 125 3.42 -28.26 -5.13
CA ARG B 125 2.12 -28.80 -4.82
C ARG B 125 2.24 -29.91 -3.77
N LYS B 126 3.27 -30.74 -3.88
CA LYS B 126 3.48 -31.85 -2.88
C LYS B 126 3.82 -31.31 -1.49
N SER B 127 4.66 -30.27 -1.44
CA SER B 127 5.06 -29.69 -0.15
C SER B 127 3.87 -28.99 0.54
N GLU B 128 3.05 -28.28 -0.23
CA GLU B 128 1.87 -27.62 0.32
C GLU B 128 0.96 -28.71 0.83
N ALA B 129 0.77 -29.75 0.02
CA ALA B 129 -0.25 -30.76 0.50
C ALA B 129 0.26 -31.48 1.76
N LEU B 130 1.54 -31.73 1.81
CA LEU B 130 2.17 -32.42 2.95
C LEU B 130 1.87 -31.68 4.25
N THR B 131 2.00 -30.35 4.20
CA THR B 131 1.94 -29.56 5.42
C THR B 131 0.55 -28.93 5.67
N ALA B 132 -0.39 -29.12 4.76
CA ALA B 132 -1.65 -28.34 4.70
C ALA B 132 -2.49 -28.55 5.97
N GLY B 133 -2.31 -29.72 6.56
CA GLY B 133 -3.00 -30.15 7.80
C GLY B 133 -2.32 -29.64 9.06
N ASN B 134 -1.18 -28.92 8.93
CA ASN B 134 -0.45 -28.51 10.17
C ASN B 134 -1.10 -27.31 10.88
N THR B 135 -0.95 -27.19 12.19
CA THR B 135 -1.70 -26.17 12.89
C THR B 135 -0.82 -25.17 13.62
N GLY B 136 0.49 -25.18 13.32
CA GLY B 136 1.40 -24.18 13.89
C GLY B 136 1.42 -22.92 13.04
N LEU B 137 2.60 -22.36 12.86
CA LEU B 137 2.80 -21.10 12.09
C LEU B 137 2.42 -21.41 10.65
N THR B 138 1.71 -20.54 9.97
CA THR B 138 1.53 -20.66 8.51
C THR B 138 2.61 -19.75 7.92
N LEU B 139 3.45 -20.32 7.06
CA LEU B 139 4.56 -19.60 6.46
C LEU B 139 4.20 -19.41 4.99
N ASN B 140 4.02 -18.17 4.53
CA ASN B 140 3.74 -17.95 3.10
C ASN B 140 5.03 -17.44 2.49
N ILE B 141 5.48 -18.04 1.40
CA ILE B 141 6.69 -17.57 0.69
C ILE B 141 6.21 -16.96 -0.64
N ALA B 142 6.45 -15.67 -0.82
CA ALA B 142 5.94 -15.00 -2.03
C ALA B 142 6.96 -15.15 -3.10
N ALA B 143 6.65 -15.95 -4.15
CA ALA B 143 7.47 -16.35 -5.34
C ALA B 143 6.84 -15.83 -6.63
N ASN B 144 7.54 -14.86 -7.23
CA ASN B 144 7.06 -14.19 -8.45
C ASN B 144 5.70 -13.59 -8.10
N TYR B 145 5.63 -12.94 -6.93
CA TYR B 145 4.37 -12.39 -6.46
C TYR B 145 4.43 -10.86 -6.68
N GLY B 146 3.25 -10.28 -6.85
CA GLY B 146 3.10 -8.80 -6.91
C GLY B 146 1.76 -8.48 -6.41
N GLY B 147 1.65 -7.36 -5.66
CA GLY B 147 0.40 -7.03 -5.12
C GLY B 147 -0.67 -6.66 -6.19
N ARG B 148 -0.23 -6.02 -7.26
CA ARG B 148 -1.21 -5.71 -8.36
C ARG B 148 -1.66 -6.98 -9.12
N TRP B 149 -0.69 -7.85 -9.37
CA TRP B 149 -0.96 -9.21 -9.92
C TRP B 149 -1.99 -9.94 -9.10
N ASP B 150 -1.87 -9.92 -7.77
CA ASP B 150 -2.70 -10.63 -6.81
C ASP B 150 -4.13 -10.09 -7.00
N ILE B 151 -4.28 -8.74 -7.01
CA ILE B 151 -5.60 -8.12 -7.21
C ILE B 151 -6.18 -8.57 -8.59
N VAL B 152 -5.35 -8.53 -9.63
CA VAL B 152 -5.79 -8.79 -11.02
C VAL B 152 -6.27 -10.23 -11.15
N GLN B 153 -5.61 -11.15 -10.44
CA GLN B 153 -6.01 -12.56 -10.53
C GLN B 153 -7.37 -12.72 -9.90
N GLY B 154 -7.66 -12.02 -8.79
CA GLY B 154 -8.98 -12.02 -8.16
C GLY B 154 -10.03 -11.34 -9.09
N VAL B 155 -9.68 -10.25 -9.74
CA VAL B 155 -10.60 -9.58 -10.72
C VAL B 155 -10.96 -10.49 -11.92
N ARG B 156 -9.94 -11.16 -12.46
CA ARG B 156 -10.16 -12.16 -13.56
C ARG B 156 -11.15 -13.24 -13.15
N GLN B 157 -11.03 -13.70 -11.92
CA GLN B 157 -11.98 -14.71 -11.42
C GLN B 157 -13.39 -14.17 -11.40
N LEU B 158 -13.58 -13.01 -10.79
CA LEU B 158 -14.88 -12.31 -10.77
C LEU B 158 -15.45 -12.06 -12.18
N ALA B 159 -14.60 -11.60 -13.12
CA ALA B 159 -14.95 -11.42 -14.54
C ALA B 159 -15.40 -12.74 -15.24
N GLU B 160 -14.73 -13.88 -14.98
CA GLU B 160 -15.24 -15.19 -15.45
C GLU B 160 -16.68 -15.45 -14.92
N LYS B 161 -16.92 -15.23 -13.63
CA LYS B 161 -18.31 -15.35 -13.09
C LYS B 161 -19.36 -14.42 -13.72
N VAL B 162 -18.94 -13.21 -14.10
CA VAL B 162 -19.88 -12.28 -14.69
C VAL B 162 -20.24 -12.79 -16.09
N GLN B 163 -19.23 -13.21 -16.87
CA GLN B 163 -19.43 -13.72 -18.22
C GLN B 163 -20.32 -14.96 -18.23
N GLN B 164 -20.08 -15.87 -17.31
CA GLN B 164 -20.96 -17.04 -17.14
C GLN B 164 -22.39 -16.68 -16.69
N GLY B 165 -22.68 -15.40 -16.43
CA GLY B 165 -23.98 -14.96 -15.90
C GLY B 165 -24.20 -15.31 -14.41
N ASN B 166 -23.18 -15.81 -13.73
CA ASN B 166 -23.26 -16.11 -12.28
C ASN B 166 -23.13 -14.94 -11.28
N LEU B 167 -22.96 -13.72 -11.76
CA LEU B 167 -22.63 -12.58 -10.87
C LEU B 167 -23.02 -11.26 -11.50
N GLN B 168 -23.68 -10.39 -10.75
CA GLN B 168 -24.05 -9.07 -11.28
C GLN B 168 -22.93 -8.07 -10.93
N PRO B 169 -22.49 -7.26 -11.91
CA PRO B 169 -21.56 -6.16 -11.64
C PRO B 169 -21.85 -5.40 -10.36
N ASP B 170 -23.11 -5.11 -10.08
CA ASP B 170 -23.43 -4.33 -8.89
C ASP B 170 -23.36 -5.07 -7.58
N GLN B 171 -23.20 -6.40 -7.62
CA GLN B 171 -23.04 -7.23 -6.42
C GLN B 171 -21.53 -7.24 -5.98
N ILE B 172 -20.62 -6.83 -6.87
CA ILE B 172 -19.16 -6.91 -6.49
C ILE B 172 -18.85 -5.87 -5.41
N ASP B 173 -18.38 -6.29 -4.26
CA ASP B 173 -18.04 -5.36 -3.21
C ASP B 173 -16.69 -5.67 -2.54
N GLU B 174 -16.32 -4.92 -1.53
CA GLU B 174 -15.01 -5.16 -0.87
C GLU B 174 -14.86 -6.55 -0.31
N GLU B 175 -15.86 -6.97 0.46
CA GLU B 175 -15.92 -8.36 0.98
C GLU B 175 -15.73 -9.42 -0.08
N MET B 176 -16.50 -9.32 -1.15
CA MET B 176 -16.34 -10.27 -2.22
C MET B 176 -14.94 -10.23 -2.88
N LEU B 177 -14.39 -9.05 -3.19
CA LEU B 177 -13.03 -9.06 -3.77
C LEU B 177 -12.05 -9.64 -2.78
N ASN B 178 -12.24 -9.31 -1.54
CA ASN B 178 -11.37 -9.83 -0.50
C ASN B 178 -11.23 -11.37 -0.52
N GLN B 179 -12.34 -12.03 -0.89
CA GLN B 179 -12.38 -13.50 -0.87
C GLN B 179 -11.65 -14.11 -2.00
N HIS B 180 -11.21 -13.27 -2.93
CA HIS B 180 -10.49 -13.73 -4.08
C HIS B 180 -9.06 -13.25 -4.13
N VAL B 181 -8.55 -12.63 -3.07
CA VAL B 181 -7.11 -12.21 -3.02
C VAL B 181 -6.33 -13.18 -2.11
N CYS B 182 -5.00 -13.23 -2.30
CA CYS B 182 -4.20 -14.17 -1.48
C CYS B 182 -4.38 -13.92 0.00
N MET B 183 -4.34 -15.01 0.77
CA MET B 183 -4.33 -15.03 2.20
C MET B 183 -5.64 -14.67 2.87
N HIS B 184 -6.72 -14.71 2.12
CA HIS B 184 -7.99 -14.29 2.67
C HIS B 184 -8.48 -15.13 3.83
N GLU B 185 -8.05 -16.36 3.93
CA GLU B 185 -8.40 -17.20 5.11
C GLU B 185 -7.54 -17.01 6.34
N LEU B 186 -6.49 -16.17 6.27
CA LEU B 186 -5.66 -15.96 7.44
C LEU B 186 -5.94 -14.64 8.18
N ALA B 187 -5.46 -14.52 9.41
CA ALA B 187 -5.54 -13.26 10.09
C ALA B 187 -5.05 -12.10 9.19
N PRO B 188 -5.66 -10.93 9.33
CA PRO B 188 -5.23 -9.72 8.62
C PRO B 188 -3.74 -9.49 8.93
N VAL B 189 -3.04 -8.99 7.91
CA VAL B 189 -1.63 -8.50 8.17
C VAL B 189 -1.63 -7.34 9.16
N ASP B 190 -0.92 -7.49 10.25
CA ASP B 190 -0.84 -6.50 11.34
C ASP B 190 0.37 -5.63 11.14
N LEU B 191 1.44 -6.17 10.53
CA LEU B 191 2.77 -5.48 10.63
C LEU B 191 3.53 -5.88 9.37
N VAL B 192 4.06 -4.88 8.66
CA VAL B 192 4.96 -5.18 7.49
C VAL B 192 6.33 -4.62 7.89
N ILE B 193 7.37 -5.44 7.76
CA ILE B 193 8.76 -4.98 8.06
C ILE B 193 9.50 -4.94 6.74
N ARG B 194 10.25 -3.85 6.46
CA ARG B 194 11.13 -3.88 5.27
C ARG B 194 12.54 -3.59 5.78
N THR B 195 13.48 -4.53 5.55
CA THR B 195 14.89 -4.32 5.90
C THR B 195 15.59 -3.66 4.73
N GLY B 196 16.83 -3.19 4.97
CA GLY B 196 17.65 -2.82 3.80
C GLY B 196 17.63 -1.35 3.52
N GLY B 197 16.78 -0.59 4.20
CA GLY B 197 16.84 0.89 4.13
C GLY B 197 15.87 1.60 3.18
N GLU B 198 15.20 0.89 2.27
CA GLU B 198 14.29 1.65 1.33
C GLU B 198 12.92 1.81 2.01
N HIS B 199 12.20 2.89 1.64
CA HIS B 199 10.95 3.17 2.30
C HIS B 199 9.76 3.03 1.33
N ARG B 200 9.53 1.85 0.79
CA ARG B 200 8.55 1.59 -0.26
C ARG B 200 8.00 0.23 -0.06
N ILE B 201 6.80 0.01 -0.61
CA ILE B 201 6.19 -1.31 -0.66
C ILE B 201 6.63 -2.19 -1.82
N SER B 202 7.12 -1.53 -2.88
CA SER B 202 7.59 -2.22 -4.08
C SER B 202 6.66 -3.31 -4.57
N ASN B 203 5.34 -3.00 -4.59
CA ASN B 203 4.32 -3.86 -5.17
C ASN B 203 4.42 -5.25 -4.51
N PHE B 204 4.71 -5.26 -3.21
CA PHE B 204 4.39 -6.38 -2.33
C PHE B 204 2.90 -6.19 -2.01
N LEU B 205 2.37 -6.82 -0.99
CA LEU B 205 0.97 -6.77 -0.66
C LEU B 205 0.46 -5.32 -0.75
N LEU B 206 -0.72 -5.14 -1.38
CA LEU B 206 -1.40 -3.84 -1.48
C LEU B 206 -2.74 -3.88 -0.81
N TRP B 207 -3.63 -4.67 -1.36
CA TRP B 207 -4.93 -4.85 -0.78
C TRP B 207 -4.85 -5.16 0.70
N GLN B 208 -3.95 -6.05 1.04
CA GLN B 208 -3.91 -6.64 2.38
C GLN B 208 -3.29 -5.75 3.42
N ILE B 209 -2.63 -4.69 2.97
CA ILE B 209 -1.93 -3.85 3.93
C ILE B 209 -2.62 -2.55 4.29
N ALA B 210 -3.93 -2.45 3.97
CA ALA B 210 -4.72 -1.22 4.21
C ALA B 210 -4.55 -0.65 5.61
N TYR B 211 -4.47 -1.56 6.61
CA TYR B 211 -4.47 -1.14 7.99
C TYR B 211 -3.27 -1.61 8.75
N ALA B 212 -2.25 -2.13 8.08
CA ALA B 212 -1.09 -2.67 8.78
C ALA B 212 -0.11 -1.57 9.26
N GLU B 213 0.62 -1.86 10.34
CA GLU B 213 1.70 -1.00 10.84
C GLU B 213 2.85 -1.24 9.84
N LEU B 214 3.53 -0.17 9.45
CA LEU B 214 4.72 -0.31 8.52
C LEU B 214 5.98 0.09 9.22
N TYR B 215 6.96 -0.84 9.21
CA TYR B 215 8.16 -0.67 10.03
C TYR B 215 9.37 -0.83 9.09
N PHE B 216 10.14 0.26 8.97
CA PHE B 216 11.29 0.29 8.07
C PHE B 216 12.55 0.33 8.89
N THR B 217 13.48 -0.55 8.57
CA THR B 217 14.79 -0.55 9.25
C THR B 217 15.91 -0.57 8.24
N ASP B 218 17.00 0.16 8.54
CA ASP B 218 18.20 0.13 7.73
C ASP B 218 19.04 -1.14 7.81
N VAL B 219 18.74 -1.95 8.77
CA VAL B 219 19.41 -3.26 8.93
C VAL B 219 19.26 -4.10 7.64
N LEU B 220 20.37 -4.69 7.11
CA LEU B 220 20.30 -5.50 5.93
C LEU B 220 19.79 -6.89 6.29
N TRP B 221 19.05 -7.47 5.34
CA TRP B 221 18.32 -8.73 5.66
C TRP B 221 19.23 -9.78 6.29
N PRO B 222 20.45 -9.98 5.77
CA PRO B 222 21.20 -11.04 6.46
C PRO B 222 21.57 -10.77 7.93
N ASP B 223 21.56 -9.51 8.38
CA ASP B 223 21.91 -9.12 9.74
C ASP B 223 20.69 -9.00 10.62
N PHE B 224 19.49 -9.08 10.03
CA PHE B 224 18.30 -8.89 10.78
C PHE B 224 18.07 -10.11 11.70
N ASP B 225 18.10 -9.90 13.01
CA ASP B 225 18.10 -11.02 13.97
C ASP B 225 16.91 -10.93 14.92
N GLU B 226 16.98 -11.70 16.03
CA GLU B 226 15.84 -11.76 16.86
C GLU B 226 15.55 -10.46 17.62
N GLN B 227 16.59 -9.72 18.01
CA GLN B 227 16.38 -8.41 18.66
C GLN B 227 15.76 -7.42 17.68
N ASP B 228 16.13 -7.51 16.40
CA ASP B 228 15.54 -6.59 15.37
C ASP B 228 14.03 -6.87 15.18
N PHE B 229 13.68 -8.16 15.22
CA PHE B 229 12.29 -8.60 15.01
C PHE B 229 11.52 -8.17 16.23
N GLU B 230 12.13 -8.34 17.41
CA GLU B 230 11.47 -7.86 18.59
C GLU B 230 11.21 -6.35 18.64
N GLY B 231 12.21 -5.57 18.21
CA GLY B 231 12.04 -4.10 17.99
C GLY B 231 10.85 -3.73 17.12
N ALA B 232 10.63 -4.45 15.99
CA ALA B 232 9.50 -4.24 15.17
C ALA B 232 8.14 -4.56 15.86
N LEU B 233 8.12 -5.69 16.54
CA LEU B 233 6.99 -6.11 17.38
C LEU B 233 6.71 -5.06 18.49
N ASN B 234 7.73 -4.48 19.10
CA ASN B 234 7.48 -3.29 20.00
C ASN B 234 6.82 -2.08 19.41
N ALA B 235 7.25 -1.68 18.21
CA ALA B 235 6.62 -0.62 17.44
C ALA B 235 5.14 -0.89 17.33
N PHE B 236 4.78 -2.12 16.97
CA PHE B 236 3.43 -2.45 16.81
C PHE B 236 2.67 -2.33 18.17
N ALA B 237 3.25 -2.88 19.24
CA ALA B 237 2.63 -2.82 20.58
C ALA B 237 2.46 -1.38 21.08
N ASN B 238 3.46 -0.53 20.92
CA ASN B 238 3.27 0.94 21.11
C ASN B 238 2.10 1.54 20.33
N ARG B 239 2.04 1.32 19.01
CA ARG B 239 0.85 1.64 18.23
C ARG B 239 -0.41 1.24 18.94
NAA 0YV C . -3.47 33.62 -1.30
CAS 0YV C . -3.16 32.20 -1.08
CAU 0YV C . -4.34 31.37 -0.60
CBC 0YV C . -4.33 30.12 -1.19
CAQ 0YV C . -5.18 29.17 -0.68
CAN 0YV C . -3.51 29.82 -2.28
CAW 0YV C . -3.53 28.58 -2.84
BRC 0YV C . -2.45 28.13 -4.34
CAL 0YV C . -4.39 27.66 -2.28
CBA 0YV C . -5.22 27.90 -1.22
CAG 0YV C . -6.08 26.90 -0.68
CAE 0YV C . -6.85 25.96 -0.22
CAY 0YV C . -7.65 24.93 0.24
CAP 0YV C . -8.36 25.01 1.42
CAJ 0YV C . -7.74 23.77 -0.48
CAI 0YV C . -8.53 22.71 -0.10
CAK 0YV C . -9.25 22.79 1.08
CAZ 0YV C . -9.16 23.94 1.85
CAF 0YV C . -9.89 24.03 3.09
CAH 0YV C . -10.36 24.13 3.88
CBB 0YV C . -11.13 24.30 5.19
CAR 0YV C . -11.51 25.58 5.61
CAM 0YV C . -11.45 23.22 5.98
CAX 0YV C . -12.14 23.37 7.18
BRD 0YV C . -12.59 21.90 8.24
CAO 0YV C . -12.51 24.62 7.60
CBD 0YV C . -12.19 25.73 6.81
CAV 0YV C . -12.57 26.99 7.26
CAT 0YV C . -11.65 27.45 8.39
NAB 0YV C . -10.72 28.54 8.08
NAA 0YV D . 22.71 -24.12 1.96
CAS 0YV D . 21.70 -23.03 1.81
CAU 0YV D . 20.61 -23.33 0.72
CBC 0YV D . 19.60 -22.36 0.70
CAQ 0YV D . 18.61 -22.48 1.64
CAN 0YV D . 19.60 -21.33 -0.25
CAW 0YV D . 18.58 -20.40 -0.24
BRC 0YV D . 18.44 -18.98 -1.41
CAL 0YV D . 17.58 -20.54 0.72
CBA 0YV D . 17.58 -21.55 1.64
CAG 0YV D . 16.53 -21.63 2.62
CAE 0YV D . 15.53 -21.69 3.54
CAY 0YV D . 14.46 -21.70 4.40
CAP 0YV D . 14.44 -22.22 5.68
CAJ 0YV D . 13.32 -21.17 3.86
CAI 0YV D . 12.17 -21.13 4.58
CAK 0YV D . 12.17 -21.63 5.84
CAZ 0YV D . 13.26 -22.16 6.40
CAF 0YV D . 13.12 -22.64 7.66
CAH 0YV D . 13.04 -22.91 8.36
CBB 0YV D . 12.89 -23.48 9.86
CAR 0YV D . 13.91 -24.30 10.38
CAM 0YV D . 11.74 -23.26 10.63
CAX 0YV D . 11.56 -23.73 11.93
BRD 0YV D . 10.04 -23.43 12.97
CAO 0YV D . 12.58 -24.50 12.41
CBD 0YV D . 13.74 -24.80 11.69
CAV 0YV D . 14.71 -25.62 12.30
CAT 0YV D . 15.88 -24.81 12.82
NAB 0YV D . 15.48 -23.99 13.98
#